data_3BH9
#
_entry.id   3BH9
#
_cell.length_a   117.600
_cell.length_b   53.100
_cell.length_c   75.700
_cell.angle_alpha   90.000
_cell.angle_beta   104.800
_cell.angle_gamma   90.000
#
_symmetry.space_group_name_H-M   'C 1 2 1'
#
loop_
_entity.id
_entity.type
_entity.pdbx_description
1 polymer 'HLA class I histocompatibility antigen, A-2 alpha chain'
2 polymer Beta-2-microglobulin
3 polymer 'decameric peptide from Protein POF1B'
4 non-polymer 'SODIUM ION'
5 non-polymer 1,2-ETHANEDIOL
6 water water
#
loop_
_entity_poly.entity_id
_entity_poly.type
_entity_poly.pdbx_seq_one_letter_code
_entity_poly.pdbx_strand_id
1 'polypeptide(L)'
;GSHSMRYFFTSVSRPGRGEPRFIAVGYVDDTQFVRFDSDAASQRMEPRAPWIEQEGPEYWDGETRKVKAHSQTHRVDLGT
LRGYYNQSEAGSHTVQRMYGCDVGSDWRFLRGYHQYAYDGKDYIALKEDLRSWTAADMAAQTTKHKWEAAHVAEQLRAYL
EGTCVEWLRRYLENGKETLQRTDAPKTHMTHHAVSDHEATLRCWALSFYPAEITLTWQRDGEDQTQDTELVETRPAGDGT
FQKWAAVVVPSGQEQRYTCHVQHEGLPKPLTLRWE
;
A
2 'polypeptide(L)'
;MIQRTPKIQVYSRHPAENGKSNFLNCYVSGFHPSDIEVDLLKNGERIEKVEHSDLSFSKDWSFYLLYYTEFTPTEKDEYA
CRVNHVTLSQPKIVKWDRDM
;
B
3 'polypeptide(L)' RTY(SEP)GPMNKV C
#
loop_
_chem_comp.id
_chem_comp.type
_chem_comp.name
_chem_comp.formula
EDO non-polymer 1,2-ETHANEDIOL 'C2 H6 O2'
NA non-polymer 'SODIUM ION' 'Na 1'
#
# COMPACT_ATOMS: atom_id res chain seq x y z
N GLY A 1 -5.75 18.82 7.39
CA GLY A 1 -6.11 17.54 8.08
C GLY A 1 -4.85 16.88 8.60
N SER A 2 -4.97 15.62 9.00
CA SER A 2 -3.88 14.87 9.65
C SER A 2 -2.89 14.35 8.59
N HIS A 3 -1.68 14.01 9.03
CA HIS A 3 -0.63 13.55 8.10
C HIS A 3 0.22 12.46 8.75
N SER A 4 0.92 11.70 7.92
CA SER A 4 1.80 10.64 8.40
C SER A 4 3.06 10.53 7.55
N MET A 5 4.14 10.05 8.16
CA MET A 5 5.29 9.57 7.40
C MET A 5 5.58 8.11 7.80
N ARG A 6 5.78 7.24 6.81
CA ARG A 6 5.99 5.83 7.10
C ARG A 6 7.10 5.28 6.21
N TYR A 7 7.93 4.40 6.76
CA TYR A 7 8.89 3.62 5.97
C TYR A 7 8.51 2.16 6.10
N PHE A 8 8.64 1.45 4.98
CA PHE A 8 8.31 0.02 4.88
C PHE A 8 9.54 -0.69 4.31
N PHE A 9 10.04 -1.66 5.07
CA PHE A 9 11.26 -2.39 4.71
C PHE A 9 10.95 -3.88 4.56
N THR A 10 11.45 -4.48 3.49
CA THR A 10 11.21 -5.90 3.26
C THR A 10 12.52 -6.56 2.89
N SER A 11 12.88 -7.62 3.61
CA SER A 11 14.10 -8.42 3.36
C SER A 11 13.67 -9.89 3.10
N VAL A 12 14.14 -10.49 2.02
CA VAL A 12 13.77 -11.87 1.68
C VAL A 12 15.02 -12.74 1.46
N SER A 13 15.14 -13.85 2.20
CA SER A 13 16.21 -14.80 1.93
C SER A 13 15.78 -15.79 0.83
N ARG A 14 16.73 -16.23 0.02
CA ARG A 14 16.42 -17.14 -1.09
C ARG A 14 17.55 -18.13 -1.24
N PRO A 15 17.62 -19.13 -0.32
CA PRO A 15 18.78 -20.04 -0.27
C PRO A 15 19.08 -20.63 -1.65
N GLY A 16 20.34 -20.55 -2.06
CA GLY A 16 20.77 -21.06 -3.36
C GLY A 16 20.40 -20.19 -4.56
N ARG A 17 19.81 -19.02 -4.29
CA ARG A 17 19.48 -18.01 -5.31
C ARG A 17 20.05 -16.67 -4.82
N GLY A 18 21.28 -16.72 -4.32
CA GLY A 18 22.04 -15.56 -3.85
C GLY A 18 21.78 -15.19 -2.40
N GLU A 19 22.41 -14.10 -1.98
CA GLU A 19 22.18 -13.47 -0.66
C GLU A 19 20.85 -12.66 -0.68
N PRO A 20 20.37 -12.25 0.53
CA PRO A 20 19.02 -11.65 0.60
C PRO A 20 18.81 -10.35 -0.19
N ARG A 21 17.57 -10.15 -0.62
CA ARG A 21 17.15 -8.96 -1.34
C ARG A 21 16.43 -8.04 -0.34
N PHE A 22 16.73 -6.75 -0.39
CA PHE A 22 16.17 -5.75 0.54
C PHE A 22 15.56 -4.59 -0.24
N ILE A 23 14.33 -4.23 0.13
CA ILE A 23 13.63 -3.10 -0.51
C ILE A 23 13.16 -2.17 0.61
N ALA A 24 13.35 -0.87 0.43
CA ALA A 24 12.80 0.15 1.35
C ALA A 24 11.97 1.14 0.56
N VAL A 25 10.81 1.53 1.09
CA VAL A 25 10.05 2.63 0.47
C VAL A 25 9.61 3.58 1.57
N GLY A 26 9.54 4.87 1.23
CA GLY A 26 9.09 5.90 2.19
C GLY A 26 7.87 6.60 1.60
N TYR A 27 6.91 6.92 2.49
CA TYR A 27 5.69 7.63 2.10
C TYR A 27 5.45 8.78 3.05
N VAL A 28 4.91 9.87 2.50
CA VAL A 28 4.19 10.88 3.28
C VAL A 28 2.71 10.72 2.84
N ASP A 29 1.83 10.47 3.80
CA ASP A 29 0.42 10.15 3.51
C ASP A 29 0.43 9.07 2.45
N ASP A 30 -0.26 9.28 1.34
CA ASP A 30 -0.34 8.23 0.31
C ASP A 30 0.58 8.49 -0.87
N THR A 31 1.60 9.31 -0.66
CA THR A 31 2.54 9.64 -1.74
C THR A 31 3.92 9.04 -1.45
N GLN A 32 4.39 8.12 -2.32
CA GLN A 32 5.74 7.56 -2.12
C GLN A 32 6.76 8.63 -2.51
N PHE A 33 7.84 8.79 -1.73
CA PHE A 33 8.84 9.82 -2.05
C PHE A 33 10.27 9.30 -2.17
N VAL A 34 10.54 8.12 -1.61
CA VAL A 34 11.87 7.51 -1.81
C VAL A 34 11.76 6.01 -1.95
N ARG A 35 12.81 5.44 -2.53
CA ARG A 35 12.97 3.96 -2.57
C ARG A 35 14.43 3.56 -2.49
N PHE A 36 14.65 2.33 -2.02
CA PHE A 36 15.95 1.68 -2.15
C PHE A 36 15.73 0.23 -2.53
N ASP A 37 16.50 -0.24 -3.49
CA ASP A 37 16.42 -1.63 -3.95
C ASP A 37 17.85 -2.16 -3.99
N SER A 38 18.17 -3.13 -3.14
CA SER A 38 19.53 -3.55 -2.96
C SER A 38 20.13 -4.21 -4.21
N ASP A 39 19.27 -4.59 -5.15
CA ASP A 39 19.74 -5.21 -6.40
C ASP A 39 19.69 -4.30 -7.62
N ALA A 40 19.36 -3.02 -7.40
CA ALA A 40 19.18 -2.07 -8.49
C ALA A 40 20.47 -1.33 -8.87
N ALA A 41 20.44 -0.56 -9.96
CA ALA A 41 21.67 0.04 -10.52
C ALA A 41 22.36 1.03 -9.60
N SER A 42 21.57 1.95 -9.03
CA SER A 42 22.18 3.10 -8.36
C SER A 42 22.90 2.78 -7.07
N GLN A 43 22.40 1.82 -6.27
CA GLN A 43 22.94 1.49 -4.92
C GLN A 43 22.79 2.71 -3.99
N ARG A 44 21.81 3.54 -4.32
CA ARG A 44 21.51 4.71 -3.47
C ARG A 44 20.05 4.79 -3.14
N MET A 45 19.71 5.48 -2.05
CA MET A 45 18.33 5.92 -1.87
C MET A 45 17.99 6.84 -3.05
N GLU A 46 16.81 6.61 -3.66
CA GLU A 46 16.40 7.31 -4.89
C GLU A 46 15.14 8.16 -4.68
N PRO A 47 15.08 9.33 -5.34
CA PRO A 47 13.84 10.12 -5.26
C PRO A 47 12.66 9.51 -6.03
N ARG A 48 11.46 9.63 -5.45
CA ARG A 48 10.25 9.16 -6.16
C ARG A 48 9.11 10.21 -6.18
N ALA A 49 9.37 11.40 -5.63
CA ALA A 49 8.52 12.57 -5.83
C ALA A 49 9.37 13.82 -6.08
N PRO A 50 8.81 14.81 -6.83
CA PRO A 50 9.63 15.95 -7.24
C PRO A 50 10.19 16.80 -6.09
N TRP A 51 9.41 16.98 -5.04
CA TRP A 51 9.82 17.85 -3.93
C TRP A 51 11.00 17.30 -3.13
N ILE A 52 11.23 15.98 -3.19
CA ILE A 52 12.37 15.41 -2.45
C ILE A 52 13.72 15.73 -3.14
N GLU A 53 13.64 16.10 -4.40
CA GLU A 53 14.80 16.57 -5.16
C GLU A 53 15.39 17.90 -4.65
N GLN A 54 14.65 18.54 -3.74
CA GLN A 54 15.18 19.74 -3.09
C GLN A 54 16.30 19.42 -2.10
N GLU A 55 16.34 18.16 -1.65
CA GLU A 55 17.37 17.70 -0.72
C GLU A 55 18.72 17.57 -1.38
N GLY A 56 19.78 17.95 -0.66
CA GLY A 56 21.12 17.94 -1.25
C GLY A 56 21.92 16.67 -1.04
N PRO A 57 23.21 16.69 -1.44
CA PRO A 57 24.00 15.49 -1.38
C PRO A 57 24.23 14.91 -0.01
N GLU A 58 24.29 15.74 1.04
CA GLU A 58 24.48 15.21 2.38
C GLU A 58 23.30 14.32 2.75
N TYR A 59 22.12 14.77 2.37
CA TYR A 59 20.87 14.00 2.61
C TYR A 59 20.94 12.65 1.90
N TRP A 60 21.19 12.67 0.60
CA TRP A 60 21.25 11.42 -0.20
C TRP A 60 22.33 10.46 0.29
N ASP A 61 23.50 11.01 0.63
CA ASP A 61 24.58 10.21 1.21
C ASP A 61 24.15 9.58 2.52
N GLY A 62 23.51 10.38 3.37
CA GLY A 62 23.09 9.90 4.69
C GLY A 62 22.02 8.80 4.63
N GLU A 63 21.03 9.05 3.79
CA GLU A 63 19.88 8.15 3.63
C GLU A 63 20.38 6.84 3.04
N THR A 64 21.31 6.94 2.10
CA THR A 64 21.94 5.73 1.54
C THR A 64 22.71 4.93 2.56
N ARG A 65 23.57 5.62 3.31
CA ARG A 65 24.36 4.99 4.39
C ARG A 65 23.43 4.26 5.34
N LYS A 66 22.35 4.94 5.78
CA LYS A 66 21.47 4.33 6.77
C LYS A 66 20.71 3.12 6.25
N VAL A 67 20.20 3.24 5.04
CA VAL A 67 19.40 2.14 4.49
C VAL A 67 20.26 0.90 4.18
N LYS A 68 21.52 1.10 3.78
CA LYS A 68 22.43 -0.04 3.58
C LYS A 68 22.71 -0.70 4.92
N ALA A 69 22.88 0.11 5.96
CA ALA A 69 23.05 -0.37 7.33
C ALA A 69 21.81 -1.13 7.81
N HIS A 70 20.60 -0.59 7.56
CA HIS A 70 19.32 -1.29 7.85
C HIS A 70 19.36 -2.70 7.18
N SER A 71 19.74 -2.73 5.91
CA SER A 71 19.75 -3.98 5.14
C SER A 71 20.71 -5.02 5.72
N GLN A 72 21.88 -4.57 6.18
CA GLN A 72 22.86 -5.51 6.75
C GLN A 72 22.38 -6.07 8.09
N THR A 73 21.71 -5.23 8.88
CA THR A 73 21.06 -5.68 10.13
C THR A 73 20.05 -6.78 9.81
N HIS A 74 19.20 -6.58 8.80
CA HIS A 74 18.26 -7.64 8.42
C HIS A 74 18.91 -8.93 7.95
N ARG A 75 20.07 -8.83 7.28
CA ARG A 75 20.80 -10.03 6.87
C ARG A 75 21.23 -10.86 8.08
N VAL A 76 21.73 -10.19 9.12
CA VAL A 76 22.02 -10.86 10.40
C VAL A 76 20.76 -11.44 11.04
N ASP A 77 19.70 -10.63 11.15
CA ASP A 77 18.41 -11.07 11.71
C ASP A 77 17.83 -12.32 11.04
N LEU A 78 17.87 -12.39 9.72
CA LEU A 78 17.37 -13.59 9.04
C LEU A 78 18.06 -14.86 9.57
N GLY A 79 19.38 -14.80 9.74
CA GLY A 79 20.12 -15.95 10.30
C GLY A 79 19.72 -16.25 11.72
N THR A 80 19.61 -15.20 12.53
CA THR A 80 19.25 -15.31 13.95
C THR A 80 17.87 -15.95 14.09
N LEU A 81 16.91 -15.45 13.32
CA LEU A 81 15.52 -15.93 13.39
C LEU A 81 15.39 -17.40 12.99
N ARG A 82 16.16 -17.84 12.00
CA ARG A 82 16.19 -19.27 11.66
C ARG A 82 16.64 -20.11 12.87
N GLY A 83 17.65 -19.64 13.58
CA GLY A 83 18.06 -20.29 14.84
C GLY A 83 16.96 -20.29 15.90
N TYR A 84 16.39 -19.12 16.18
CA TYR A 84 15.28 -18.99 17.14
C TYR A 84 14.13 -19.96 16.91
N TYR A 85 13.80 -20.18 15.63
CA TYR A 85 12.67 -21.00 15.26
C TYR A 85 13.03 -22.42 14.82
N ASN A 86 14.31 -22.77 15.00
CA ASN A 86 14.84 -24.09 14.64
C ASN A 86 14.49 -24.48 13.19
N GLN A 87 14.76 -23.57 12.26
CA GLN A 87 14.41 -23.81 10.87
C GLN A 87 15.63 -24.20 10.06
N SER A 88 15.37 -24.96 9.00
CA SER A 88 16.38 -25.35 8.05
C SER A 88 17.00 -24.13 7.35
N GLU A 89 18.19 -24.32 6.78
CA GLU A 89 18.78 -23.30 5.93
C GLU A 89 18.22 -23.32 4.51
N ALA A 90 17.21 -24.17 4.24
CA ALA A 90 16.71 -24.47 2.89
C ALA A 90 15.50 -23.66 2.40
N GLY A 91 14.68 -23.18 3.31
CA GLY A 91 13.50 -22.39 2.94
C GLY A 91 13.75 -20.90 2.81
N SER A 92 12.88 -20.22 2.07
CA SER A 92 12.91 -18.78 1.91
C SER A 92 12.12 -18.12 3.05
N HIS A 93 12.68 -17.07 3.62
CA HIS A 93 12.00 -16.37 4.73
C HIS A 93 11.94 -14.87 4.50
N THR A 94 11.06 -14.20 5.23
CA THR A 94 10.84 -12.74 5.02
C THR A 94 10.86 -11.99 6.35
N VAL A 95 11.67 -10.92 6.40
CA VAL A 95 11.62 -9.95 7.51
C VAL A 95 10.97 -8.67 7.00
N GLN A 96 10.06 -8.08 7.78
CA GLN A 96 9.50 -6.79 7.41
C GLN A 96 9.60 -5.89 8.64
N ARG A 97 9.83 -4.60 8.40
CA ARG A 97 9.84 -3.61 9.48
C ARG A 97 9.08 -2.39 8.96
N MET A 98 8.32 -1.75 9.86
CA MET A 98 7.62 -0.52 9.50
C MET A 98 7.84 0.41 10.68
N TYR A 99 8.18 1.66 10.38
CA TYR A 99 8.15 2.70 11.41
C TYR A 99 7.69 4.05 10.86
N GLY A 100 7.35 4.97 11.75
CA GLY A 100 6.87 6.27 11.29
C GLY A 100 6.06 6.99 12.35
N CYS A 101 5.51 8.12 11.96
CA CYS A 101 4.84 9.04 12.89
C CYS A 101 3.61 9.63 12.25
N ASP A 102 2.60 9.93 13.10
CA ASP A 102 1.39 10.65 12.68
C ASP A 102 1.37 12.00 13.40
N VAL A 103 0.92 13.01 12.67
CA VAL A 103 0.67 14.35 13.22
C VAL A 103 -0.79 14.75 12.94
N GLY A 104 -1.34 15.59 13.81
CA GLY A 104 -2.72 16.04 13.58
C GLY A 104 -2.82 17.20 12.61
N SER A 105 -3.99 17.83 12.57
CA SER A 105 -4.22 19.02 11.71
C SER A 105 -3.28 20.17 12.05
N ASP A 106 -2.84 20.18 13.30
CA ASP A 106 -1.98 21.24 13.83
C ASP A 106 -0.50 20.93 13.62
N TRP A 107 -0.25 19.83 12.91
CA TRP A 107 1.08 19.27 12.65
C TRP A 107 1.86 18.87 13.91
N ARG A 108 1.17 18.74 15.04
CA ARG A 108 1.80 18.28 16.26
C ARG A 108 1.71 16.76 16.34
N PHE A 109 2.69 16.17 17.01
CA PHE A 109 2.80 14.72 17.21
C PHE A 109 1.54 14.06 17.76
N LEU A 110 1.04 13.06 17.05
CA LEU A 110 -0.13 12.28 17.47
C LEU A 110 0.28 10.90 17.98
N ARG A 111 1.10 10.18 17.22
CA ARG A 111 1.68 8.93 17.72
C ARG A 111 2.79 8.39 16.82
N GLY A 112 3.56 7.45 17.37
CA GLY A 112 4.68 6.84 16.65
C GLY A 112 4.58 5.34 16.63
N TYR A 113 5.26 4.72 15.67
CA TYR A 113 5.20 3.27 15.43
C TYR A 113 6.57 2.74 15.09
N HIS A 114 6.85 1.53 15.56
CA HIS A 114 7.95 0.72 15.06
C HIS A 114 7.59 -0.75 15.28
N GLN A 115 7.35 -1.47 14.18
CA GLN A 115 6.88 -2.86 14.27
C GLN A 115 7.72 -3.75 13.35
N TYR A 116 7.82 -5.03 13.72
CA TYR A 116 8.68 -6.00 13.05
C TYR A 116 7.90 -7.31 12.85
N ALA A 117 8.04 -7.91 11.68
CA ALA A 117 7.37 -9.17 11.37
C ALA A 117 8.32 -10.20 10.80
N TYR A 118 7.99 -11.48 11.00
CA TYR A 118 8.77 -12.57 10.42
C TYR A 118 7.82 -13.53 9.75
N ASP A 119 8.08 -13.85 8.48
CA ASP A 119 7.25 -14.79 7.72
C ASP A 119 5.73 -14.50 7.75
N GLY A 120 5.38 -13.23 7.58
CA GLY A 120 3.96 -12.87 7.45
C GLY A 120 3.16 -12.78 8.74
N LYS A 121 3.84 -12.88 9.90
CA LYS A 121 3.17 -12.64 11.18
C LYS A 121 3.96 -11.70 12.12
N ASP A 122 3.25 -11.10 13.07
CA ASP A 122 3.91 -10.25 14.07
C ASP A 122 5.06 -10.95 14.77
N TYR A 123 6.12 -10.19 15.03
CA TYR A 123 7.23 -10.68 15.82
C TYR A 123 7.37 -9.78 17.06
N ILE A 124 7.62 -8.48 16.86
CA ILE A 124 7.73 -7.58 18.02
C ILE A 124 7.31 -6.19 17.62
N ALA A 125 6.71 -5.44 18.56
CA ALA A 125 6.26 -4.09 18.22
C ALA A 125 6.43 -3.16 19.40
N LEU A 126 6.76 -1.92 19.10
CA LEU A 126 6.79 -0.87 20.11
C LEU A 126 5.34 -0.46 20.46
N LYS A 127 5.04 -0.44 21.76
CA LYS A 127 3.72 -0.03 22.19
C LYS A 127 3.52 1.48 22.07
N GLU A 128 2.26 1.93 22.05
CA GLU A 128 1.91 3.33 21.82
C GLU A 128 2.63 4.30 22.78
N ASP A 129 2.93 3.85 23.99
CA ASP A 129 3.66 4.73 24.94
C ASP A 129 5.13 4.94 24.58
N LEU A 130 5.60 4.23 23.54
CA LEU A 130 6.99 4.32 23.05
C LEU A 130 8.04 4.06 24.13
N ARG A 131 7.64 3.32 25.16
CA ARG A 131 8.51 3.00 26.29
C ARG A 131 8.54 1.50 26.57
N SER A 132 7.66 0.75 25.91
CA SER A 132 7.49 -0.68 26.18
C SER A 132 7.27 -1.50 24.90
N TRP A 133 7.48 -2.81 24.99
CA TRP A 133 7.37 -3.70 23.81
C TRP A 133 6.32 -4.81 23.99
N THR A 134 5.75 -5.25 22.88
CA THR A 134 4.87 -6.43 22.87
C THR A 134 5.57 -7.48 22.01
N ALA A 135 5.88 -8.62 22.61
CA ALA A 135 6.46 -9.76 21.92
C ALA A 135 5.32 -10.70 21.51
N ALA A 136 5.33 -11.13 20.25
CA ALA A 136 4.22 -11.90 19.71
C ALA A 136 4.18 -13.36 20.16
N ASP A 137 5.35 -13.88 20.52
CA ASP A 137 5.48 -15.30 20.88
C ASP A 137 6.68 -15.52 21.82
N MET A 138 6.97 -16.78 22.13
CA MET A 138 8.07 -17.06 23.06
C MET A 138 9.43 -16.65 22.49
N ALA A 139 9.68 -16.94 21.21
CA ALA A 139 10.95 -16.55 20.58
C ALA A 139 11.24 -15.07 20.71
N ALA A 140 10.22 -14.24 20.47
CA ALA A 140 10.38 -12.79 20.45
C ALA A 140 10.63 -12.20 21.85
N GLN A 141 10.30 -12.95 22.90
CA GLN A 141 10.66 -12.52 24.25
C GLN A 141 12.17 -12.34 24.41
N THR A 142 12.97 -13.16 23.73
CA THR A 142 14.42 -12.99 23.73
C THR A 142 14.80 -11.60 23.20
N THR A 143 14.22 -11.24 22.07
CA THR A 143 14.46 -9.93 21.51
C THR A 143 14.01 -8.79 22.42
N LYS A 144 12.84 -8.97 23.03
CA LYS A 144 12.25 -7.93 23.87
C LYS A 144 13.22 -7.62 24.99
N HIS A 145 13.75 -8.67 25.61
CA HIS A 145 14.66 -8.50 26.74
C HIS A 145 15.94 -7.79 26.34
N LYS A 146 16.52 -8.20 25.22
CA LYS A 146 17.69 -7.54 24.63
C LYS A 146 17.47 -6.06 24.40
N TRP A 147 16.35 -5.72 23.75
CA TRP A 147 16.04 -4.37 23.39
C TRP A 147 15.71 -3.49 24.61
N GLU A 148 15.09 -4.11 25.62
CA GLU A 148 14.86 -3.42 26.91
C GLU A 148 16.17 -3.04 27.58
N ALA A 149 17.08 -4.02 27.68
CA ALA A 149 18.43 -3.80 28.24
C ALA A 149 19.23 -2.74 27.51
N ALA A 150 19.07 -2.68 26.18
CA ALA A 150 19.79 -1.72 25.35
C ALA A 150 19.11 -0.35 25.19
N HIS A 151 17.96 -0.16 25.85
CA HIS A 151 17.26 1.13 25.81
C HIS A 151 16.91 1.57 24.39
N VAL A 152 16.64 0.58 23.54
CA VAL A 152 16.16 0.82 22.17
C VAL A 152 14.95 1.75 22.12
N ALA A 153 13.95 1.53 22.98
CA ALA A 153 12.73 2.32 22.96
C ALA A 153 13.00 3.81 23.15
N GLU A 154 13.93 4.14 24.04
CA GLU A 154 14.30 5.54 24.29
C GLU A 154 14.84 6.19 23.01
N GLN A 155 15.69 5.44 22.30
CA GLN A 155 16.31 5.95 21.08
C GLN A 155 15.22 6.16 20.01
N LEU A 156 14.34 5.18 19.89
CA LEU A 156 13.25 5.24 18.91
C LEU A 156 12.27 6.37 19.24
N ARG A 157 11.90 6.50 20.52
CA ARG A 157 11.02 7.60 20.97
C ARG A 157 11.55 8.97 20.54
N ALA A 158 12.84 9.21 20.72
CA ALA A 158 13.41 10.52 20.41
C ALA A 158 13.28 10.86 18.89
N TYR A 159 13.52 9.84 18.06
CA TYR A 159 13.28 9.97 16.62
C TYR A 159 11.81 10.22 16.29
N LEU A 160 10.93 9.40 16.84
CA LEU A 160 9.54 9.41 16.51
C LEU A 160 8.84 10.74 16.88
N GLU A 161 9.20 11.28 18.04
CA GLU A 161 8.63 12.51 18.60
C GLU A 161 9.34 13.76 18.09
N GLY A 162 10.55 13.58 17.55
CA GLY A 162 11.36 14.73 17.16
C GLY A 162 11.62 14.73 15.67
N THR A 163 12.70 14.07 15.29
CA THR A 163 13.15 14.02 13.89
C THR A 163 12.03 13.65 12.91
N CYS A 164 11.33 12.55 13.18
CA CYS A 164 10.26 12.08 12.31
C CYS A 164 9.22 13.21 12.04
N VAL A 165 8.74 13.86 13.12
CA VAL A 165 7.78 14.96 13.01
C VAL A 165 8.36 16.17 12.25
N GLU A 166 9.60 16.53 12.58
CA GLU A 166 10.26 17.69 11.95
C GLU A 166 10.43 17.51 10.43
N TRP A 167 10.86 16.31 10.04
CA TRP A 167 11.03 15.99 8.60
C TRP A 167 9.70 15.85 7.87
N LEU A 168 8.70 15.24 8.49
CA LEU A 168 7.36 15.25 7.91
C LEU A 168 6.87 16.70 7.63
N ARG A 169 7.01 17.56 8.63
CA ARG A 169 6.70 19.00 8.46
C ARG A 169 7.50 19.67 7.33
N ARG A 170 8.80 19.42 7.30
CA ARG A 170 9.63 19.96 6.23
C ARG A 170 9.11 19.52 4.87
N TYR A 171 8.84 18.24 4.72
CA TYR A 171 8.35 17.72 3.44
C TYR A 171 7.03 18.32 3.08
N LEU A 172 6.11 18.41 4.05
CA LEU A 172 4.79 19.02 3.80
C LEU A 172 4.92 20.45 3.27
N GLU A 173 5.89 21.20 3.81
CA GLU A 173 6.19 22.55 3.37
C GLU A 173 6.83 22.59 1.99
N ASN A 174 7.92 21.82 1.82
CA ASN A 174 8.64 21.78 0.55
C ASN A 174 7.75 21.27 -0.59
N GLY A 175 6.88 20.30 -0.31
CA GLY A 175 5.98 19.75 -1.34
C GLY A 175 4.54 20.26 -1.25
N LYS A 176 4.36 21.47 -0.72
CA LYS A 176 3.04 22.02 -0.42
C LYS A 176 2.04 21.87 -1.56
N GLU A 177 2.48 22.23 -2.77
CA GLU A 177 1.62 22.26 -3.95
C GLU A 177 0.92 20.91 -4.22
N THR A 178 1.59 19.81 -3.90
CA THR A 178 1.03 18.48 -4.15
C THR A 178 0.63 17.74 -2.87
N LEU A 179 1.49 17.75 -1.85
CA LEU A 179 1.21 17.06 -0.58
C LEU A 179 0.06 17.62 0.24
N GLN A 180 -0.18 18.93 0.12
CA GLN A 180 -1.23 19.56 0.92
C GLN A 180 -2.53 19.76 0.13
N ARG A 181 -2.53 19.30 -1.11
CA ARG A 181 -3.72 19.35 -1.98
C ARG A 181 -4.76 18.32 -1.50
N THR A 182 -6.02 18.67 -1.65
CA THR A 182 -7.07 17.67 -1.48
C THR A 182 -7.85 17.68 -2.78
N ASP A 183 -7.85 16.56 -3.49
CA ASP A 183 -8.66 16.39 -4.68
C ASP A 183 -9.95 15.65 -4.37
N ALA A 184 -11.05 16.40 -4.28
CA ALA A 184 -12.38 15.80 -4.15
C ALA A 184 -12.63 14.76 -5.24
N PRO A 185 -13.13 13.60 -4.84
CA PRO A 185 -13.61 12.59 -5.80
C PRO A 185 -14.56 13.20 -6.83
N LYS A 186 -14.30 12.93 -8.10
CA LYS A 186 -15.35 12.97 -9.12
C LYS A 186 -16.28 11.77 -8.99
N THR A 187 -17.57 12.04 -8.78
CA THR A 187 -18.55 10.99 -8.45
C THR A 187 -19.66 10.85 -9.49
N HIS A 188 -20.13 9.61 -9.68
CA HIS A 188 -21.32 9.34 -10.49
C HIS A 188 -21.89 8.00 -10.09
N MET A 189 -23.12 7.74 -10.51
CA MET A 189 -23.78 6.45 -10.27
C MET A 189 -24.20 5.83 -11.60
N THR A 190 -23.99 4.52 -11.71
CA THR A 190 -24.45 3.77 -12.86
C THR A 190 -25.54 2.77 -12.44
N HIS A 191 -26.25 2.26 -13.43
CA HIS A 191 -27.37 1.33 -13.25
C HIS A 191 -27.22 0.17 -14.24
N HIS A 192 -27.31 -1.06 -13.74
CA HIS A 192 -27.17 -2.25 -14.58
C HIS A 192 -28.20 -3.31 -14.21
N ALA A 193 -28.92 -3.84 -15.20
CA ALA A 193 -29.87 -4.91 -14.92
C ALA A 193 -29.78 -6.02 -15.95
N VAL A 194 -29.75 -7.26 -15.45
CA VAL A 194 -29.63 -8.46 -16.25
C VAL A 194 -30.93 -9.31 -16.13
N SER A 195 -31.90 -8.77 -15.38
CA SER A 195 -33.23 -9.37 -15.26
C SER A 195 -34.29 -8.28 -15.02
N ASP A 196 -35.56 -8.67 -15.13
CA ASP A 196 -36.68 -7.78 -14.87
C ASP A 196 -36.93 -7.56 -13.37
N HIS A 197 -36.17 -8.24 -12.51
CA HIS A 197 -36.51 -8.34 -11.07
C HIS A 197 -35.61 -7.48 -10.17
N GLU A 198 -34.37 -7.29 -10.58
CA GLU A 198 -33.42 -6.57 -9.73
C GLU A 198 -32.44 -5.80 -10.59
N ALA A 199 -31.89 -4.72 -10.05
CA ALA A 199 -30.81 -4.01 -10.73
C ALA A 199 -29.65 -3.74 -9.77
N THR A 200 -28.46 -3.54 -10.32
CA THR A 200 -27.30 -3.09 -9.56
C THR A 200 -27.04 -1.58 -9.77
N LEU A 201 -26.91 -0.88 -8.64
CA LEU A 201 -26.52 0.54 -8.62
C LEU A 201 -25.06 0.59 -8.18
N ARG A 202 -24.20 1.25 -8.96
CA ARG A 202 -22.78 1.35 -8.58
C ARG A 202 -22.43 2.83 -8.45
N CYS A 203 -21.93 3.17 -7.26
CA CYS A 203 -21.55 4.52 -6.92
C CYS A 203 -20.03 4.63 -7.06
N TRP A 204 -19.57 5.53 -7.91
CA TRP A 204 -18.15 5.67 -8.25
C TRP A 204 -17.53 6.91 -7.63
N ALA A 205 -16.31 6.76 -7.13
CA ALA A 205 -15.47 7.90 -6.72
C ALA A 205 -14.12 7.80 -7.43
N LEU A 206 -13.75 8.84 -8.19
CA LEU A 206 -12.54 8.79 -9.02
C LEU A 206 -11.67 10.04 -8.79
N SER A 207 -10.38 9.91 -9.13
CA SER A 207 -9.43 11.03 -9.13
C SER A 207 -9.29 11.74 -7.78
N PHE A 208 -9.38 11.00 -6.67
CA PHE A 208 -9.29 11.64 -5.36
C PHE A 208 -7.94 11.46 -4.67
N TYR A 209 -7.61 12.41 -3.80
CA TYR A 209 -6.40 12.38 -2.98
C TYR A 209 -6.69 13.22 -1.74
N PRO A 210 -6.35 12.73 -0.53
CA PRO A 210 -5.66 11.46 -0.17
C PRO A 210 -6.58 10.25 -0.33
N ALA A 211 -6.04 9.06 -0.02
CA ALA A 211 -6.74 7.84 -0.34
C ALA A 211 -7.92 7.60 0.59
N GLU A 212 -7.88 8.17 1.79
CA GLU A 212 -8.94 7.95 2.77
C GLU A 212 -10.31 8.44 2.22
N ILE A 213 -11.31 7.56 2.24
CA ILE A 213 -12.63 7.90 1.71
C ILE A 213 -13.63 6.97 2.37
N THR A 214 -14.88 7.43 2.50
CA THR A 214 -15.97 6.54 2.93
C THR A 214 -17.13 6.61 1.95
N LEU A 215 -17.53 5.43 1.49
CA LEU A 215 -18.72 5.25 0.65
C LEU A 215 -19.72 4.38 1.40
N THR A 216 -20.95 4.85 1.53
CA THR A 216 -21.96 4.10 2.27
C THR A 216 -23.26 4.18 1.50
N TRP A 217 -24.01 3.09 1.51
CA TRP A 217 -25.39 3.11 0.97
C TRP A 217 -26.42 3.29 2.08
N GLN A 218 -27.46 4.05 1.77
CA GLN A 218 -28.67 4.10 2.59
C GLN A 218 -29.91 3.73 1.78
N ARG A 219 -30.88 3.16 2.48
CA ARG A 219 -32.22 2.93 1.92
C ARG A 219 -33.20 3.66 2.83
N ASP A 220 -34.01 4.53 2.24
CA ASP A 220 -34.94 5.39 3.01
C ASP A 220 -34.20 6.05 4.18
N GLY A 221 -32.95 6.46 3.95
CA GLY A 221 -32.12 7.10 4.99
C GLY A 221 -31.66 6.23 6.15
N GLU A 222 -31.71 4.91 5.99
CA GLU A 222 -31.17 4.02 7.00
C GLU A 222 -30.00 3.27 6.38
N ASP A 223 -28.91 3.14 7.15
CA ASP A 223 -27.72 2.42 6.69
C ASP A 223 -28.05 1.07 6.09
N GLN A 224 -27.47 0.79 4.93
CA GLN A 224 -27.75 -0.42 4.16
C GLN A 224 -26.44 -1.17 3.85
N THR A 225 -26.24 -2.34 4.46
CA THR A 225 -25.06 -3.18 4.20
C THR A 225 -25.40 -4.50 3.49
N GLN A 226 -26.58 -5.05 3.77
CA GLN A 226 -26.99 -6.30 3.11
C GLN A 226 -27.06 -6.07 1.59
N ASP A 227 -26.65 -7.07 0.81
CA ASP A 227 -26.72 -6.97 -0.66
C ASP A 227 -25.83 -5.85 -1.25
N THR A 228 -24.79 -5.48 -0.52
CA THR A 228 -23.81 -4.52 -1.00
C THR A 228 -22.43 -5.13 -1.24
N GLU A 229 -21.62 -4.43 -2.07
CA GLU A 229 -20.22 -4.78 -2.31
C GLU A 229 -19.39 -3.49 -2.34
N LEU A 230 -18.22 -3.50 -1.68
CA LEU A 230 -17.34 -2.32 -1.56
C LEU A 230 -15.93 -2.76 -1.96
N VAL A 231 -15.39 -2.29 -3.10
CA VAL A 231 -14.04 -2.71 -3.50
C VAL A 231 -12.98 -1.97 -2.74
N GLU A 232 -11.79 -2.57 -2.65
CA GLU A 232 -10.67 -1.93 -2.01
C GLU A 232 -10.28 -0.68 -2.81
N THR A 233 -9.96 0.38 -2.09
CA THR A 233 -9.43 1.60 -2.72
C THR A 233 -8.16 1.24 -3.51
N ARG A 234 -8.07 1.74 -4.73
CA ARG A 234 -7.02 1.34 -5.64
C ARG A 234 -6.35 2.55 -6.28
N PRO A 235 -5.02 2.43 -6.56
CA PRO A 235 -4.30 3.55 -7.17
C PRO A 235 -4.58 3.68 -8.67
N ALA A 236 -4.87 4.89 -9.13
CA ALA A 236 -5.00 5.18 -10.58
C ALA A 236 -3.68 5.13 -11.34
N GLY A 237 -2.59 5.45 -10.64
CA GLY A 237 -1.24 5.43 -11.26
C GLY A 237 -0.70 6.83 -11.52
N ASP A 238 -1.56 7.83 -11.31
CA ASP A 238 -1.27 9.25 -11.54
C ASP A 238 -1.23 10.02 -10.23
N GLY A 239 -1.14 9.28 -9.12
CA GLY A 239 -1.12 9.90 -7.80
C GLY A 239 -2.48 10.03 -7.14
N THR A 240 -3.54 9.65 -7.84
CA THR A 240 -4.91 9.70 -7.29
C THR A 240 -5.46 8.29 -7.07
N PHE A 241 -6.64 8.19 -6.44
CA PHE A 241 -7.24 6.89 -6.10
C PHE A 241 -8.65 6.75 -6.63
N GLN A 242 -9.17 5.52 -6.56
CA GLN A 242 -10.48 5.16 -7.11
C GLN A 242 -11.14 4.20 -6.13
N LYS A 243 -12.46 4.22 -6.09
CA LYS A 243 -13.23 3.28 -5.28
C LYS A 243 -14.65 3.27 -5.82
N TRP A 244 -15.31 2.13 -5.68
CA TRP A 244 -16.76 2.06 -5.87
C TRP A 244 -17.45 1.18 -4.83
N ALA A 245 -18.74 1.46 -4.65
CA ALA A 245 -19.64 0.66 -3.82
C ALA A 245 -20.86 0.35 -4.66
N ALA A 246 -21.37 -0.87 -4.53
CA ALA A 246 -22.55 -1.30 -5.30
C ALA A 246 -23.61 -1.90 -4.39
N VAL A 247 -24.86 -1.80 -4.82
CA VAL A 247 -25.97 -2.39 -4.09
C VAL A 247 -26.93 -2.98 -5.11
N VAL A 248 -27.48 -4.16 -4.79
CA VAL A 248 -28.50 -4.82 -5.61
C VAL A 248 -29.88 -4.55 -5.02
N VAL A 249 -30.76 -4.01 -5.87
CA VAL A 249 -32.06 -3.47 -5.45
C VAL A 249 -33.20 -4.08 -6.26
N PRO A 250 -34.41 -4.17 -5.67
CA PRO A 250 -35.53 -4.65 -6.48
C PRO A 250 -35.90 -3.63 -7.54
N SER A 251 -36.26 -4.10 -8.73
CA SER A 251 -36.70 -3.20 -9.80
C SER A 251 -37.88 -2.33 -9.33
N GLY A 252 -37.85 -1.05 -9.71
CA GLY A 252 -38.84 -0.06 -9.26
C GLY A 252 -38.62 0.56 -7.89
N GLN A 253 -37.54 0.17 -7.21
CA GLN A 253 -37.20 0.72 -5.90
C GLN A 253 -35.88 1.50 -5.90
N GLU A 254 -35.33 1.75 -7.10
CA GLU A 254 -34.03 2.47 -7.22
C GLU A 254 -34.03 3.78 -6.42
N GLN A 255 -35.15 4.50 -6.40
CA GLN A 255 -35.21 5.82 -5.75
C GLN A 255 -35.12 5.83 -4.22
N ARG A 256 -35.27 4.67 -3.60
CA ARG A 256 -35.09 4.53 -2.15
C ARG A 256 -33.62 4.65 -1.71
N TYR A 257 -32.70 4.46 -2.64
CA TYR A 257 -31.31 4.26 -2.26
C TYR A 257 -30.46 5.49 -2.54
N THR A 258 -29.57 5.81 -1.61
CA THR A 258 -28.64 6.92 -1.79
C THR A 258 -27.23 6.46 -1.43
N CYS A 259 -26.27 6.94 -2.21
CA CYS A 259 -24.86 6.71 -1.93
C CYS A 259 -24.29 7.97 -1.27
N HIS A 260 -23.61 7.78 -0.15
CA HIS A 260 -23.03 8.87 0.63
C HIS A 260 -21.51 8.83 0.59
N VAL A 261 -20.93 9.94 0.16
CA VAL A 261 -19.48 10.08 -0.03
C VAL A 261 -18.88 11.06 1.01
N GLN A 262 -17.90 10.57 1.76
CA GLN A 262 -17.14 11.40 2.71
C GLN A 262 -15.68 11.40 2.25
N HIS A 263 -15.12 12.60 2.09
CA HIS A 263 -13.71 12.77 1.74
C HIS A 263 -13.21 14.13 2.22
N GLU A 264 -11.94 14.21 2.59
CA GLU A 264 -11.35 15.43 3.09
C GLU A 264 -11.52 16.62 2.12
N GLY A 265 -11.59 16.31 0.83
CA GLY A 265 -11.72 17.30 -0.25
C GLY A 265 -13.10 17.91 -0.43
N LEU A 266 -14.09 17.31 0.24
CA LEU A 266 -15.46 17.80 0.15
C LEU A 266 -15.82 18.68 1.35
N PRO A 267 -16.43 19.83 1.07
CA PRO A 267 -16.87 20.74 2.13
C PRO A 267 -18.04 20.16 2.92
N LYS A 268 -18.86 19.34 2.28
CA LYS A 268 -19.87 18.55 2.97
C LYS A 268 -19.96 17.14 2.40
N PRO A 269 -20.34 16.18 3.24
CA PRO A 269 -20.96 14.94 2.76
C PRO A 269 -21.71 15.16 1.45
N LEU A 270 -21.39 14.35 0.44
CA LEU A 270 -22.18 14.29 -0.78
C LEU A 270 -23.18 13.14 -0.72
N THR A 271 -24.34 13.34 -1.34
CA THR A 271 -25.36 12.29 -1.48
C THR A 271 -25.67 12.11 -2.95
N LEU A 272 -25.63 10.86 -3.45
CA LEU A 272 -26.02 10.56 -4.83
C LEU A 272 -27.28 9.68 -4.88
N ARG A 273 -28.16 9.93 -5.84
CA ARG A 273 -29.35 9.10 -6.10
C ARG A 273 -29.39 8.77 -7.59
N TRP A 274 -30.01 7.65 -7.93
CA TRP A 274 -30.05 7.19 -9.32
C TRP A 274 -30.67 8.23 -10.23
N GLU A 275 -29.91 8.66 -11.24
CA GLU A 275 -30.38 9.65 -12.19
C GLU A 275 -30.52 11.03 -11.55
N MET B 1 4.97 -19.94 9.17
CA MET B 1 4.78 -19.02 8.06
C MET B 1 3.28 -18.81 7.77
N ILE B 2 2.90 -17.55 7.58
CA ILE B 2 1.53 -17.23 7.18
C ILE B 2 1.46 -16.84 5.72
N GLN B 3 0.63 -17.54 4.95
CA GLN B 3 0.45 -17.24 3.52
C GLN B 3 -0.93 -16.64 3.26
N ARG B 4 -0.98 -15.69 2.33
CA ARG B 4 -2.25 -15.06 1.95
C ARG B 4 -2.36 -14.95 0.43
N THR B 5 -3.54 -15.25 -0.11
CA THR B 5 -3.71 -15.26 -1.56
C THR B 5 -4.02 -13.83 -2.07
N PRO B 6 -3.51 -13.46 -3.27
CA PRO B 6 -3.72 -12.09 -3.77
C PRO B 6 -5.16 -11.78 -4.17
N LYS B 7 -5.56 -10.56 -3.88
CA LYS B 7 -6.72 -9.92 -4.48
C LYS B 7 -6.24 -9.29 -5.79
N ILE B 8 -7.13 -9.21 -6.78
CA ILE B 8 -6.78 -8.73 -8.11
C ILE B 8 -7.86 -7.77 -8.61
N GLN B 9 -7.46 -6.57 -9.03
CA GLN B 9 -8.37 -5.66 -9.74
C GLN B 9 -7.74 -5.23 -11.04
N VAL B 10 -8.54 -5.22 -12.12
CA VAL B 10 -8.03 -4.89 -13.46
C VAL B 10 -8.90 -3.74 -13.94
N TYR B 11 -8.26 -2.62 -14.28
CA TYR B 11 -9.02 -1.40 -14.58
C TYR B 11 -8.13 -0.42 -15.34
N SER B 12 -8.72 0.66 -15.84
CA SER B 12 -7.93 1.69 -16.52
C SER B 12 -7.71 2.90 -15.63
N ARG B 13 -6.64 3.64 -15.93
CA ARG B 13 -6.33 4.86 -15.17
C ARG B 13 -7.46 5.89 -15.32
N HIS B 14 -7.88 6.09 -16.56
CA HIS B 14 -8.93 7.04 -16.93
C HIS B 14 -10.12 6.26 -17.52
N PRO B 15 -11.34 6.85 -17.54
CA PRO B 15 -12.46 6.18 -18.21
C PRO B 15 -12.08 5.80 -19.65
N ALA B 16 -12.39 4.57 -20.03
CA ALA B 16 -11.97 4.04 -21.33
C ALA B 16 -12.72 4.74 -22.47
N GLU B 17 -11.98 5.18 -23.47
CA GLU B 17 -12.58 5.75 -24.69
C GLU B 17 -11.83 5.19 -25.87
N ASN B 18 -12.53 4.43 -26.71
CA ASN B 18 -11.87 3.77 -27.85
C ASN B 18 -11.11 4.77 -28.69
N GLY B 19 -9.89 4.39 -29.07
CA GLY B 19 -9.03 5.25 -29.87
C GLY B 19 -8.20 6.29 -29.12
N LYS B 20 -8.29 6.28 -27.79
CA LYS B 20 -7.59 7.28 -26.95
C LYS B 20 -6.64 6.56 -25.98
N SER B 21 -5.36 6.93 -26.04
CA SER B 21 -4.35 6.31 -25.17
C SER B 21 -4.72 6.48 -23.68
N ASN B 22 -4.38 5.46 -22.91
CA ASN B 22 -4.79 5.33 -21.52
C ASN B 22 -3.73 4.45 -20.84
N PHE B 23 -3.96 4.07 -19.59
CA PHE B 23 -3.13 3.05 -18.92
C PHE B 23 -3.99 1.92 -18.40
N LEU B 24 -3.57 0.69 -18.67
CA LEU B 24 -4.23 -0.51 -18.16
C LEU B 24 -3.50 -0.87 -16.88
N ASN B 25 -4.25 -0.98 -15.78
CA ASN B 25 -3.71 -1.30 -14.46
C ASN B 25 -4.09 -2.71 -13.97
N CYS B 26 -3.17 -3.38 -13.29
CA CYS B 26 -3.54 -4.58 -12.56
C CYS B 26 -2.97 -4.43 -11.17
N TYR B 27 -3.88 -4.29 -10.21
CA TYR B 27 -3.53 -4.06 -8.81
C TYR B 27 -3.69 -5.38 -8.09
N VAL B 28 -2.56 -5.92 -7.61
CA VAL B 28 -2.52 -7.14 -6.79
C VAL B 28 -2.21 -6.71 -5.35
N SER B 29 -2.98 -7.22 -4.38
CA SER B 29 -2.83 -6.84 -2.98
C SER B 29 -3.23 -7.96 -2.03
N GLY B 30 -2.90 -7.81 -0.74
CA GLY B 30 -3.28 -8.78 0.28
C GLY B 30 -2.54 -10.11 0.23
N PHE B 31 -1.43 -10.16 -0.49
CA PHE B 31 -0.69 -11.42 -0.64
C PHE B 31 0.54 -11.56 0.26
N HIS B 32 0.90 -12.80 0.54
CA HIS B 32 2.12 -13.14 1.29
C HIS B 32 2.46 -14.61 0.96
N PRO B 33 3.74 -14.94 0.62
CA PRO B 33 4.94 -14.09 0.51
C PRO B 33 4.92 -13.16 -0.71
N SER B 34 5.97 -12.33 -0.86
CA SER B 34 6.02 -11.28 -1.89
C SER B 34 6.25 -11.77 -3.32
N ASP B 35 6.79 -12.99 -3.47
CA ASP B 35 7.08 -13.50 -4.80
C ASP B 35 5.77 -13.69 -5.53
N ILE B 36 5.65 -13.07 -6.72
CA ILE B 36 4.40 -13.10 -7.51
C ILE B 36 4.68 -12.90 -9.00
N GLU B 37 3.90 -13.58 -9.84
CA GLU B 37 4.03 -13.51 -11.28
C GLU B 37 2.81 -12.77 -11.79
N VAL B 38 3.00 -11.68 -12.49
CA VAL B 38 1.87 -10.91 -13.02
C VAL B 38 2.14 -10.53 -14.47
N ASP B 39 1.25 -10.94 -15.37
CA ASP B 39 1.35 -10.52 -16.77
C ASP B 39 0.05 -9.87 -17.19
N LEU B 40 0.15 -8.88 -18.07
CA LEU B 40 -1.01 -8.26 -18.69
C LEU B 40 -1.15 -8.84 -20.10
N LEU B 41 -2.39 -9.19 -20.44
CA LEU B 41 -2.72 -9.82 -21.72
C LEU B 41 -3.54 -8.91 -22.63
N LYS B 42 -3.25 -9.01 -23.93
CA LYS B 42 -4.06 -8.42 -25.00
C LYS B 42 -4.44 -9.56 -25.91
N ASN B 43 -5.74 -9.84 -25.96
CA ASN B 43 -6.31 -10.90 -26.78
C ASN B 43 -5.62 -12.25 -26.52
N GLY B 44 -5.34 -12.49 -25.24
CA GLY B 44 -4.71 -13.73 -24.78
C GLY B 44 -3.19 -13.81 -24.87
N GLU B 45 -2.56 -12.78 -25.40
CA GLU B 45 -1.11 -12.74 -25.62
C GLU B 45 -0.47 -11.78 -24.63
N ARG B 46 0.69 -12.17 -24.10
CA ARG B 46 1.48 -11.32 -23.23
C ARG B 46 1.80 -9.98 -23.87
N ILE B 47 1.52 -8.91 -23.15
CA ILE B 47 2.02 -7.57 -23.49
C ILE B 47 3.48 -7.44 -23.00
N GLU B 48 4.37 -6.92 -23.85
CA GLU B 48 5.81 -6.87 -23.56
C GLU B 48 6.27 -5.73 -22.65
N LYS B 49 5.75 -4.52 -22.86
CA LYS B 49 6.14 -3.39 -22.05
C LYS B 49 5.23 -3.25 -20.83
N VAL B 50 5.60 -3.85 -19.71
CA VAL B 50 4.81 -3.69 -18.48
C VAL B 50 5.73 -3.25 -17.35
N GLU B 51 5.28 -2.26 -16.59
CA GLU B 51 6.04 -1.74 -15.47
C GLU B 51 5.30 -2.03 -14.16
N HIS B 52 6.00 -1.86 -13.03
CA HIS B 52 5.35 -2.05 -11.73
C HIS B 52 5.90 -1.13 -10.66
N SER B 53 5.06 -0.89 -9.67
CA SER B 53 5.41 -0.08 -8.52
C SER B 53 6.44 -0.81 -7.62
N ASP B 54 7.09 -0.07 -6.74
CA ASP B 54 8.03 -0.61 -5.75
C ASP B 54 7.27 -1.36 -4.65
N LEU B 55 7.80 -2.52 -4.28
CA LEU B 55 7.16 -3.38 -3.26
C LEU B 55 6.91 -2.66 -1.94
N SER B 56 5.65 -2.71 -1.51
CA SER B 56 5.26 -2.14 -0.22
C SER B 56 4.23 -3.07 0.41
N PHE B 57 3.82 -2.73 1.64
CA PHE B 57 2.84 -3.57 2.36
C PHE B 57 1.91 -2.82 3.27
N SER B 58 0.84 -3.50 3.65
CA SER B 58 -0.24 -2.92 4.46
C SER B 58 -0.09 -3.20 5.96
N LYS B 59 -1.07 -2.73 6.74
CA LYS B 59 -1.03 -2.88 8.19
C LYS B 59 -0.93 -4.33 8.64
N ASP B 60 -1.60 -5.23 7.91
CA ASP B 60 -1.54 -6.67 8.19
C ASP B 60 -0.28 -7.40 7.67
N TRP B 61 0.70 -6.64 7.17
CA TRP B 61 1.97 -7.15 6.58
C TRP B 61 1.83 -7.67 5.15
N SER B 62 0.60 -7.70 4.61
CA SER B 62 0.42 -8.26 3.27
C SER B 62 0.89 -7.26 2.22
N PHE B 63 1.42 -7.78 1.11
CA PHE B 63 2.04 -6.95 0.07
C PHE B 63 1.04 -6.43 -0.95
N TYR B 64 1.41 -5.36 -1.63
CA TYR B 64 0.65 -4.86 -2.79
C TYR B 64 1.57 -4.29 -3.86
N LEU B 65 1.18 -4.47 -5.12
CA LEU B 65 1.92 -3.98 -6.29
C LEU B 65 0.92 -3.53 -7.36
N LEU B 66 1.26 -2.47 -8.08
CA LEU B 66 0.51 -2.03 -9.25
C LEU B 66 1.34 -2.32 -10.51
N TYR B 67 0.81 -3.14 -11.41
CA TYR B 67 1.43 -3.35 -12.72
C TYR B 67 0.63 -2.56 -13.75
N TYR B 68 1.32 -1.98 -14.72
CA TYR B 68 0.64 -1.07 -15.64
C TYR B 68 1.34 -0.96 -16.98
N THR B 69 0.55 -0.68 -18.01
CA THR B 69 1.06 -0.53 -19.35
C THR B 69 0.22 0.53 -20.07
N GLU B 70 0.86 1.30 -20.94
CA GLU B 70 0.14 2.26 -21.79
C GLU B 70 -0.57 1.50 -22.90
N PHE B 71 -1.81 1.89 -23.19
CA PHE B 71 -2.60 1.21 -24.22
C PHE B 71 -3.73 2.10 -24.71
N THR B 72 -4.09 1.93 -25.98
CA THR B 72 -5.29 2.56 -26.53
C THR B 72 -6.39 1.52 -26.76
N PRO B 73 -7.42 1.56 -25.92
CA PRO B 73 -8.52 0.59 -26.01
C PRO B 73 -9.26 0.70 -27.33
N THR B 74 -9.87 -0.40 -27.77
CA THR B 74 -10.60 -0.44 -29.02
C THR B 74 -11.89 -1.25 -28.90
N GLU B 75 -12.75 -1.14 -29.91
CA GLU B 75 -13.99 -1.90 -29.93
C GLU B 75 -13.73 -3.40 -29.73
N LYS B 76 -12.73 -3.91 -30.42
CA LYS B 76 -12.61 -5.35 -30.65
C LYS B 76 -11.84 -6.03 -29.53
N ASP B 77 -10.87 -5.31 -28.96
CA ASP B 77 -9.80 -5.94 -28.21
C ASP B 77 -10.26 -6.33 -26.81
N GLU B 78 -9.73 -7.44 -26.30
CA GLU B 78 -9.94 -7.82 -24.91
C GLU B 78 -8.62 -7.73 -24.15
N TYR B 79 -8.72 -7.44 -22.85
CA TYR B 79 -7.51 -7.37 -22.03
C TYR B 79 -7.72 -8.16 -20.74
N ALA B 80 -6.62 -8.63 -20.16
CA ALA B 80 -6.68 -9.37 -18.89
C ALA B 80 -5.42 -9.20 -18.06
N CYS B 81 -5.51 -9.62 -16.80
CA CYS B 81 -4.35 -9.81 -15.94
C CYS B 81 -4.24 -11.28 -15.54
N ARG B 82 -3.04 -11.85 -15.69
CA ARG B 82 -2.73 -13.26 -15.32
C ARG B 82 -1.80 -13.28 -14.11
N VAL B 83 -2.21 -13.92 -13.02
CA VAL B 83 -1.44 -13.89 -11.76
C VAL B 83 -1.16 -15.29 -11.28
N ASN B 84 0.10 -15.53 -10.92
CA ASN B 84 0.48 -16.74 -10.23
C ASN B 84 1.19 -16.45 -8.89
N HIS B 85 0.92 -17.29 -7.91
CA HIS B 85 1.44 -17.11 -6.56
C HIS B 85 1.50 -18.52 -5.96
N VAL B 86 2.30 -18.69 -4.90
CA VAL B 86 2.40 -20.03 -4.25
C VAL B 86 1.05 -20.52 -3.73
N THR B 87 0.15 -19.60 -3.40
CA THR B 87 -1.18 -19.94 -2.87
C THR B 87 -2.20 -20.39 -3.93
N LEU B 88 -1.85 -20.26 -5.20
CA LEU B 88 -2.75 -20.63 -6.30
C LEU B 88 -2.26 -21.92 -6.94
N SER B 89 -3.14 -22.91 -7.02
CA SER B 89 -2.81 -24.18 -7.65
C SER B 89 -2.61 -24.02 -9.15
N GLN B 90 -3.24 -22.99 -9.72
CA GLN B 90 -3.01 -22.61 -11.12
C GLN B 90 -3.20 -21.10 -11.30
N PRO B 91 -2.57 -20.53 -12.35
CA PRO B 91 -2.70 -19.09 -12.58
C PRO B 91 -4.13 -18.61 -12.70
N LYS B 92 -4.37 -17.41 -12.21
CA LYS B 92 -5.68 -16.84 -12.18
C LYS B 92 -5.75 -15.73 -13.24
N ILE B 93 -6.70 -15.85 -14.18
CA ILE B 93 -6.91 -14.82 -15.21
C ILE B 93 -8.11 -13.98 -14.85
N VAL B 94 -7.93 -12.66 -14.73
CA VAL B 94 -9.04 -11.77 -14.57
C VAL B 94 -9.14 -10.84 -15.79
N LYS B 95 -10.28 -10.91 -16.50
CA LYS B 95 -10.48 -10.09 -17.67
C LYS B 95 -10.83 -8.66 -17.26
N TRP B 96 -10.38 -7.71 -18.10
CA TRP B 96 -10.71 -6.31 -17.89
C TRP B 96 -12.16 -6.07 -18.29
N ASP B 97 -12.93 -5.56 -17.35
CA ASP B 97 -14.29 -5.06 -17.56
C ASP B 97 -14.22 -3.55 -17.39
N ARG B 98 -14.43 -2.81 -18.48
CA ARG B 98 -14.24 -1.36 -18.45
C ARG B 98 -15.18 -0.59 -17.50
N ASP B 99 -16.14 -1.30 -16.94
CA ASP B 99 -17.13 -0.73 -16.02
C ASP B 99 -16.93 -1.27 -14.58
N MET B 100 -15.72 -1.77 -14.29
CA MET B 100 -15.40 -2.32 -12.96
C MET B 100 -14.09 -1.78 -12.40
N ARG C 1 12.54 11.42 6.54
CA ARG C 1 13.93 11.10 6.81
C ARG C 1 14.05 9.88 7.73
N THR C 2 15.18 9.20 7.65
CA THR C 2 15.28 7.82 8.10
C THR C 2 15.95 7.73 9.47
N TYR C 3 15.43 6.84 10.32
CA TYR C 3 16.02 6.63 11.65
C TYR C 3 17.54 6.53 11.58
N SEP C 4 18.21 7.29 12.42
CA SEP C 4 19.70 7.28 12.46
CB SEP C 4 20.24 8.65 12.84
OG SEP C 4 19.91 9.54 11.82
C SEP C 4 20.33 6.20 13.32
O SEP C 4 21.56 6.14 13.45
P SEP C 4 21.06 10.51 11.30
O1P SEP C 4 20.47 11.19 9.99
O2P SEP C 4 22.39 9.66 11.06
O3P SEP C 4 21.29 11.62 12.43
N GLY C 5 19.47 5.35 13.88
CA GLY C 5 19.95 4.09 14.46
C GLY C 5 20.59 4.36 15.81
N PRO C 6 21.46 3.43 16.27
CA PRO C 6 21.84 2.15 15.60
C PRO C 6 20.67 1.16 15.43
N MET C 7 20.72 0.33 14.40
CA MET C 7 19.69 -0.72 14.23
C MET C 7 20.04 -1.98 15.05
N ASN C 8 19.42 -2.13 16.21
CA ASN C 8 19.75 -3.25 17.09
C ASN C 8 19.26 -4.58 16.50
N LYS C 9 20.12 -5.60 16.50
CA LYS C 9 19.77 -6.94 15.97
C LYS C 9 18.72 -7.62 16.83
N VAL C 10 17.91 -8.50 16.23
CA VAL C 10 16.93 -9.26 17.01
C VAL C 10 17.60 -10.35 17.85
NA NA D . 4.06 -7.90 18.16
C1 EDO E . -4.10 -16.38 6.89
O1 EDO E . -3.72 -17.43 6.00
C2 EDO E . -4.57 -16.98 8.21
O2 EDO E . -3.45 -17.46 8.97
C1 EDO F . 15.46 -1.86 16.49
O1 EDO F . 16.21 -2.65 15.53
C2 EDO F . 16.08 -0.47 16.62
O2 EDO F . 17.33 -0.57 17.30
#